data_2CL0
#
_entry.id   2CL0
#
_cell.length_a   88.540
_cell.length_b   88.540
_cell.length_c   144.100
_cell.angle_alpha   90.00
_cell.angle_beta   90.00
_cell.angle_gamma   120.00
#
_symmetry.space_group_name_H-M   'H 3 2'
#
loop_
_entity.id
_entity.type
_entity.pdbx_description
1 polymer 'GTPASE HRAS'
2 non-polymer 'MAGNESIUM ION'
3 non-polymer 2-AMINO-2-HYDROXYMETHYL-PROPANE-1,3-DIOL
4 non-polymer 'PHOSPHOAMINOPHOSPHONIC ACID-GUANYLATE ESTER'
5 non-polymer "N,N'-DIMETHYL-N-(ACETYL)-N'-(7-NITROBENZ-2-OXA-1,3-DIAZOL-4-YL)ETHYLENEDIAMINE"
6 water water
#
_entity_poly.entity_id   1
_entity_poly.type   'polypeptide(L)'
_entity_poly.pdbx_seq_one_letter_code
;MTEYKLVVVGAGGVGKSALTIQLIQNHFVDECDPTIEDSYRKQVVIDGETCLLDILDTAGQEEYSAMRDQYMRTGEGFLC
VFAINNTKSFEDIHQYREQIKRVKDSDDVPMVLVGNKSDLAARTVESRQAQDLARSYGIPYIETSAKTRQGVEDAFYTLV
REIRQH
;
_entity_poly.pdbx_strand_id   X
#
# COMPACT_ATOMS: atom_id res chain seq x y z
N MET A 1 3.81 20.66 -9.86
CA MET A 1 3.39 19.44 -10.61
C MET A 1 2.32 18.77 -9.78
N THR A 2 1.80 17.68 -10.31
CA THR A 2 0.71 17.00 -9.67
C THR A 2 1.22 16.15 -8.55
N GLU A 3 0.66 16.33 -7.36
N GLU A 3 0.72 16.39 -7.34
CA GLU A 3 1.03 15.55 -6.20
CA GLU A 3 1.01 15.54 -6.20
C GLU A 3 -0.05 14.52 -5.92
C GLU A 3 -0.06 14.45 -6.11
N TYR A 4 0.37 13.29 -5.64
CA TYR A 4 -0.51 12.19 -5.28
C TYR A 4 -0.10 11.75 -3.89
N LYS A 5 -1.05 11.72 -2.97
N LYS A 5 -1.03 11.78 -2.95
CA LYS A 5 -0.78 11.35 -1.59
CA LYS A 5 -0.76 11.34 -1.58
C LYS A 5 -1.20 9.88 -1.34
C LYS A 5 -1.19 9.88 -1.42
N LEU A 6 -0.22 8.98 -1.24
CA LEU A 6 -0.48 7.56 -1.09
C LEU A 6 -0.19 7.11 0.34
N VAL A 7 -0.99 6.17 0.82
CA VAL A 7 -0.79 5.64 2.17
C VAL A 7 -0.73 4.12 2.08
N VAL A 8 0.26 3.54 2.73
CA VAL A 8 0.45 2.10 2.83
C VAL A 8 0.05 1.57 4.21
N VAL A 9 -0.90 0.65 4.22
CA VAL A 9 -1.44 0.07 5.44
C VAL A 9 -1.54 -1.46 5.34
N GLY A 10 -1.72 -2.10 6.49
CA GLY A 10 -1.79 -3.54 6.58
C GLY A 10 -1.07 -4.07 7.81
N ALA A 11 -1.24 -5.37 8.02
CA ALA A 11 -0.79 -6.03 9.24
C ALA A 11 0.73 -5.96 9.44
N GLY A 12 1.16 -6.10 10.69
CA GLY A 12 2.58 -6.03 11.02
C GLY A 12 3.34 -7.11 10.27
N GLY A 13 4.47 -6.73 9.70
CA GLY A 13 5.39 -7.67 9.11
C GLY A 13 5.15 -8.06 7.68
N VAL A 14 4.10 -7.48 7.06
CA VAL A 14 3.73 -7.88 5.70
C VAL A 14 4.66 -7.32 4.64
N GLY A 15 5.47 -6.29 4.99
CA GLY A 15 6.43 -5.70 4.06
C GLY A 15 6.08 -4.32 3.53
N LYS A 16 5.26 -3.59 4.26
CA LYS A 16 4.89 -2.21 3.89
C LYS A 16 6.11 -1.32 3.70
N SER A 17 7.02 -1.37 4.67
CA SER A 17 8.20 -0.52 4.60
C SER A 17 9.18 -1.00 3.51
N ALA A 18 9.37 -2.31 3.44
CA ALA A 18 10.19 -2.88 2.37
C ALA A 18 9.70 -2.48 0.99
N LEU A 19 8.38 -2.53 0.75
CA LEU A 19 7.82 -2.13 -0.54
C LEU A 19 8.10 -0.69 -0.87
N THR A 20 7.91 0.16 0.12
CA THR A 20 8.08 1.59 -0.06
C THR A 20 9.53 1.95 -0.35
N ILE A 21 10.43 1.36 0.41
CA ILE A 21 11.89 1.54 0.19
C ILE A 21 12.36 0.99 -1.16
N GLN A 22 11.79 -0.13 -1.62
CA GLN A 22 12.12 -0.66 -2.93
C GLN A 22 11.72 0.32 -4.00
N LEU A 23 10.53 0.91 -3.86
CA LEU A 23 10.06 1.87 -4.83
C LEU A 23 10.95 3.13 -4.89
N ILE A 24 11.29 3.64 -3.72
CA ILE A 24 11.97 4.91 -3.64
C ILE A 24 13.47 4.77 -3.84
N GLN A 25 14.06 3.79 -3.20
N GLN A 25 14.07 3.78 -3.19
CA GLN A 25 15.51 3.66 -3.10
CA GLN A 25 15.52 3.64 -3.12
C GLN A 25 16.10 2.45 -3.87
C GLN A 25 16.08 2.55 -4.05
N ASN A 26 15.23 1.67 -4.49
N ASN A 26 15.24 1.62 -4.48
CA ASN A 26 15.66 0.60 -5.39
CA ASN A 26 15.68 0.59 -5.42
C ASN A 26 16.57 -0.44 -4.73
C ASN A 26 16.51 -0.51 -4.76
N HIS A 27 16.30 -0.75 -3.46
CA HIS A 27 16.94 -1.87 -2.79
C HIS A 27 16.03 -2.53 -1.79
N PHE A 28 16.37 -3.76 -1.43
CA PHE A 28 15.56 -4.57 -0.53
C PHE A 28 16.17 -4.56 0.85
N VAL A 29 15.37 -4.17 1.83
CA VAL A 29 15.80 -4.24 3.22
C VAL A 29 15.38 -5.59 3.84
N ASP A 30 16.38 -6.37 4.23
CA ASP A 30 16.10 -7.67 4.86
C ASP A 30 15.79 -7.52 6.36
N GLU A 31 16.08 -6.34 6.90
CA GLU A 31 15.81 -6.03 8.30
C GLU A 31 14.42 -5.41 8.48
N CYS A 32 14.04 -5.20 9.74
CA CYS A 32 12.73 -4.66 10.10
C CYS A 32 12.81 -3.20 10.51
N ASP A 33 12.25 -2.30 9.70
N ASP A 33 12.23 -2.31 9.69
CA ASP A 33 12.21 -0.87 10.02
CA ASP A 33 12.15 -0.88 10.00
C ASP A 33 11.39 -0.67 11.31
C ASP A 33 11.37 -0.69 11.32
N PRO A 34 12.05 -0.20 12.38
CA PRO A 34 11.31 -0.07 13.66
C PRO A 34 10.34 1.09 13.72
N THR A 35 10.31 1.96 12.72
CA THR A 35 9.48 3.15 12.82
C THR A 35 8.00 2.79 12.71
N ILE A 36 7.17 3.66 13.27
CA ILE A 36 5.70 3.52 13.24
C ILE A 36 5.04 4.38 12.14
N GLU A 37 5.73 5.46 11.79
CA GLU A 37 5.43 6.24 10.58
C GLU A 37 6.72 6.78 9.99
N ASP A 38 6.73 6.91 8.67
CA ASP A 38 7.78 7.62 7.97
C ASP A 38 7.13 8.05 6.69
N SER A 39 7.78 9.01 6.03
N SER A 39 7.76 8.96 5.99
CA SER A 39 7.29 9.75 4.85
CA SER A 39 7.19 9.38 4.73
C SER A 39 8.35 9.62 3.75
C SER A 39 8.27 9.77 3.74
N TYR A 40 7.92 9.53 2.50
CA TYR A 40 8.83 9.50 1.38
C TYR A 40 8.25 10.34 0.25
N ARG A 41 9.15 10.76 -0.64
N ARG A 41 9.12 10.90 -0.60
CA ARG A 41 8.83 11.53 -1.81
CA ARG A 41 8.69 11.76 -1.68
C ARG A 41 9.66 10.99 -2.98
C ARG A 41 9.62 11.68 -2.87
N LYS A 42 8.99 10.91 -4.13
N LYS A 42 9.03 11.40 -4.03
CA LYS A 42 9.59 10.49 -5.38
CA LYS A 42 9.81 11.17 -5.24
C LYS A 42 8.96 11.30 -6.50
C LYS A 42 9.10 11.79 -6.44
N GLN A 43 9.78 12.00 -7.28
N GLN A 43 9.91 12.35 -7.34
CA GLN A 43 9.34 12.68 -8.50
CA GLN A 43 9.44 12.82 -8.64
C GLN A 43 9.52 11.70 -9.65
C GLN A 43 9.51 11.63 -9.59
N VAL A 44 8.41 11.39 -10.33
CA VAL A 44 8.37 10.33 -11.33
C VAL A 44 7.35 10.70 -12.42
N VAL A 45 7.58 10.21 -13.61
CA VAL A 45 6.68 10.43 -14.74
C VAL A 45 5.86 9.15 -14.84
N ILE A 46 4.54 9.29 -14.74
CA ILE A 46 3.61 8.19 -14.80
C ILE A 46 2.60 8.53 -15.91
N ASP A 47 2.59 7.69 -16.92
CA ASP A 47 1.74 7.88 -18.11
C ASP A 47 1.83 9.30 -18.61
N GLY A 48 3.06 9.81 -18.72
CA GLY A 48 3.33 11.06 -19.38
C GLY A 48 3.07 12.31 -18.55
N GLU A 49 2.71 12.11 -17.30
CA GLU A 49 2.52 13.18 -16.34
C GLU A 49 3.67 13.15 -15.35
N THR A 50 4.33 14.30 -15.17
CA THR A 50 5.33 14.44 -14.09
C THR A 50 4.56 14.60 -12.78
N CYS A 51 4.86 13.72 -11.85
CA CYS A 51 4.07 13.48 -10.62
C CYS A 51 5.05 13.59 -9.47
N LEU A 52 4.56 14.04 -8.32
CA LEU A 52 5.27 13.92 -7.05
C LEU A 52 4.49 12.94 -6.22
N LEU A 53 5.11 11.81 -5.88
CA LEU A 53 4.44 10.85 -5.02
C LEU A 53 4.85 11.12 -3.61
N ASP A 54 3.89 11.39 -2.75
N ASP A 54 3.87 11.34 -2.73
CA ASP A 54 4.10 11.51 -1.31
CA ASP A 54 4.09 11.54 -1.29
C ASP A 54 3.53 10.24 -0.70
C ASP A 54 3.49 10.34 -0.53
N ILE A 55 4.36 9.47 -0.02
CA ILE A 55 3.94 8.16 0.50
C ILE A 55 4.15 8.10 1.99
N LEU A 56 3.05 7.86 2.70
CA LEU A 56 3.05 7.65 4.13
C LEU A 56 3.08 6.17 4.38
N ASP A 57 4.16 5.75 5.00
CA ASP A 57 4.36 4.37 5.41
C ASP A 57 3.90 4.20 6.85
N THR A 58 2.82 3.45 7.09
CA THR A 58 2.32 3.33 8.48
C THR A 58 2.66 1.97 9.02
N ALA A 59 2.58 1.81 10.33
CA ALA A 59 2.80 0.52 10.95
C ALA A 59 1.48 -0.25 11.08
N GLY A 60 1.56 -1.56 11.28
CA GLY A 60 0.35 -2.37 11.52
C GLY A 60 -0.37 -1.95 12.79
N GLN A 61 -1.68 -2.24 12.86
CA GLN A 61 -2.56 -1.91 14.03
C GLN A 61 -2.00 -2.48 15.35
N GLU A 62 -1.15 -3.49 15.26
CA GLU A 62 -0.52 -4.08 16.44
C GLU A 62 0.34 -3.06 17.19
N GLU A 63 0.77 -1.99 16.52
CA GLU A 63 1.60 -0.97 17.15
C GLU A 63 0.86 0.34 17.29
N TYR A 64 1.04 0.96 18.46
CA TYR A 64 0.40 2.23 18.76
C TYR A 64 1.11 3.31 17.96
N SER A 65 0.31 4.23 17.41
CA SER A 65 0.82 5.35 16.62
C SER A 65 0.57 6.71 17.25
N ALA A 66 1.31 7.70 16.77
CA ALA A 66 0.95 9.11 17.00
C ALA A 66 0.20 9.54 15.76
N MET A 67 -1.08 9.87 15.94
CA MET A 67 -1.88 10.52 14.90
C MET A 67 -2.22 9.66 13.70
N ARG A 68 -2.16 8.33 13.85
N ARG A 68 -2.16 8.33 13.85
CA ARG A 68 -2.37 7.41 12.71
CA ARG A 68 -2.40 7.38 12.74
C ARG A 68 -3.50 7.89 11.80
C ARG A 68 -3.50 7.88 11.81
N ASP A 69 -4.70 8.02 12.37
CA ASP A 69 -5.89 8.33 11.59
C ASP A 69 -5.88 9.75 11.06
N GLN A 70 -5.29 10.67 11.81
CA GLN A 70 -5.15 12.02 11.33
C GLN A 70 -4.20 12.03 10.13
N TYR A 71 -3.06 11.36 10.27
CA TYR A 71 -2.12 11.20 9.14
C TYR A 71 -2.79 10.53 7.95
N MET A 72 -3.45 9.40 8.20
CA MET A 72 -4.21 8.68 7.16
C MET A 72 -5.30 9.50 6.49
N ARG A 73 -5.90 10.42 7.25
N ARG A 73 -5.95 10.43 7.20
CA ARG A 73 -6.97 11.29 6.76
CA ARG A 73 -7.05 11.16 6.56
C ARG A 73 -6.56 12.07 5.50
C ARG A 73 -6.56 12.08 5.43
N THR A 74 -5.29 12.45 5.45
CA THR A 74 -4.70 13.22 4.37
C THR A 74 -4.46 12.40 3.08
N GLY A 75 -4.60 11.08 3.12
CA GLY A 75 -4.31 10.23 1.94
C GLY A 75 -5.36 10.28 0.84
N GLU A 76 -4.92 10.27 -0.41
CA GLU A 76 -5.81 10.22 -1.54
C GLU A 76 -6.08 8.79 -2.00
N GLY A 77 -5.13 7.88 -1.77
CA GLY A 77 -5.30 6.48 -2.18
C GLY A 77 -4.50 5.61 -1.22
N PHE A 78 -4.94 4.38 -1.06
CA PHE A 78 -4.38 3.45 -0.09
C PHE A 78 -3.97 2.14 -0.71
N LEU A 79 -2.76 1.70 -0.37
CA LEU A 79 -2.33 0.33 -0.66
C LEU A 79 -2.65 -0.49 0.55
N CYS A 80 -3.52 -1.50 0.39
CA CYS A 80 -3.88 -2.37 1.47
C CYS A 80 -3.08 -3.66 1.29
N VAL A 81 -2.08 -3.86 2.12
CA VAL A 81 -1.10 -4.89 1.97
C VAL A 81 -1.27 -6.07 2.92
N PHE A 82 -1.22 -7.27 2.37
CA PHE A 82 -1.11 -8.50 3.15
C PHE A 82 0.09 -9.28 2.57
N ALA A 83 0.52 -10.38 3.20
CA ALA A 83 1.60 -11.19 2.68
C ALA A 83 1.01 -12.54 2.29
N ILE A 84 1.43 -13.07 1.14
CA ILE A 84 0.82 -14.33 0.62
C ILE A 84 1.12 -15.59 1.48
N ASN A 85 2.07 -15.47 2.40
CA ASN A 85 2.41 -16.50 3.37
C ASN A 85 1.93 -16.17 4.78
N ASN A 86 0.86 -15.39 4.89
CA ASN A 86 0.34 -14.97 6.20
C ASN A 86 -1.17 -14.80 6.06
N THR A 87 -1.88 -15.91 6.24
CA THR A 87 -3.31 -15.96 6.14
C THR A 87 -4.00 -14.94 7.07
N LYS A 88 -3.53 -14.79 8.31
N LYS A 88 -3.52 -14.80 8.31
CA LYS A 88 -4.17 -13.81 9.20
CA LYS A 88 -4.11 -13.84 9.25
C LYS A 88 -4.11 -12.42 8.63
C LYS A 88 -4.09 -12.44 8.64
N SER A 89 -2.99 -12.06 8.00
CA SER A 89 -2.82 -10.70 7.42
C SER A 89 -3.83 -10.42 6.34
N PHE A 90 -4.16 -11.48 5.60
CA PHE A 90 -5.21 -11.41 4.57
C PHE A 90 -6.58 -11.24 5.21
N GLU A 91 -6.84 -11.99 6.30
CA GLU A 91 -8.10 -11.95 6.99
C GLU A 91 -8.31 -10.55 7.60
N ASP A 92 -7.21 -9.91 7.96
CA ASP A 92 -7.21 -8.59 8.65
C ASP A 92 -7.56 -7.46 7.66
N ILE A 93 -7.41 -7.70 6.36
CA ILE A 93 -7.58 -6.61 5.36
C ILE A 93 -8.86 -5.88 5.54
N HIS A 94 -9.93 -6.62 5.76
CA HIS A 94 -11.24 -6.01 5.88
C HIS A 94 -11.30 -4.94 7.00
N GLN A 95 -10.60 -5.14 8.11
CA GLN A 95 -10.53 -4.12 9.17
C GLN A 95 -9.77 -2.89 8.77
N TYR A 96 -8.73 -3.10 7.95
CA TYR A 96 -7.96 -1.99 7.43
C TYR A 96 -8.85 -1.18 6.51
N ARG A 97 -9.61 -1.88 5.66
N ARG A 97 -9.64 -1.84 5.65
CA ARG A 97 -10.49 -1.17 4.76
CA ARG A 97 -10.50 -1.08 4.74
C ARG A 97 -11.54 -0.37 5.54
C ARG A 97 -11.65 -0.37 5.46
N GLU A 98 -12.16 -1.01 6.52
N GLU A 98 -12.13 -0.93 6.56
CA GLU A 98 -13.13 -0.34 7.40
CA GLU A 98 -13.17 -0.25 7.32
C GLU A 98 -12.55 0.93 8.05
C GLU A 98 -12.58 0.91 8.15
N GLN A 99 -11.31 0.83 8.54
CA GLN A 99 -10.62 2.00 9.14
C GLN A 99 -10.51 3.14 8.10
N ILE A 100 -10.09 2.80 6.90
CA ILE A 100 -10.00 3.79 5.83
C ILE A 100 -11.34 4.43 5.56
N LYS A 101 -12.37 3.61 5.42
N LYS A 101 -12.39 3.62 5.46
CA LYS A 101 -13.70 4.11 5.10
CA LYS A 101 -13.72 4.16 5.26
C LYS A 101 -14.18 5.08 6.19
C LYS A 101 -14.08 5.16 6.37
N ARG A 102 -13.89 4.76 7.44
N ARG A 102 -13.94 4.72 7.61
CA ARG A 102 -14.22 5.63 8.58
CA ARG A 102 -14.20 5.59 8.77
C ARG A 102 -13.45 6.93 8.52
C ARG A 102 -13.45 6.90 8.62
N VAL A 103 -12.14 6.82 8.44
CA VAL A 103 -11.27 7.98 8.50
C VAL A 103 -11.53 8.93 7.30
N LYS A 104 -11.84 8.39 6.12
CA LYS A 104 -12.18 9.21 4.95
C LYS A 104 -13.67 9.54 4.87
N ASP A 105 -14.44 8.97 5.80
CA ASP A 105 -15.89 9.15 5.86
C ASP A 105 -16.55 8.91 4.50
N SER A 106 -16.10 7.87 3.80
CA SER A 106 -16.58 7.56 2.47
C SER A 106 -16.40 6.09 2.18
N ASP A 107 -17.30 5.52 1.40
CA ASP A 107 -17.21 4.14 0.99
C ASP A 107 -16.59 4.01 -0.40
N ASP A 108 -16.15 5.13 -0.97
CA ASP A 108 -15.60 5.19 -2.33
C ASP A 108 -14.25 5.89 -2.25
N VAL A 109 -13.25 5.14 -1.81
CA VAL A 109 -11.88 5.64 -1.63
C VAL A 109 -10.97 4.86 -2.59
N PRO A 110 -10.10 5.54 -3.36
CA PRO A 110 -9.17 4.76 -4.20
C PRO A 110 -8.27 3.82 -3.39
N MET A 111 -8.20 2.57 -3.83
CA MET A 111 -7.49 1.54 -3.13
C MET A 111 -7.00 0.48 -4.10
N VAL A 112 -5.89 -0.16 -3.74
CA VAL A 112 -5.38 -1.37 -4.39
C VAL A 112 -5.08 -2.42 -3.34
N LEU A 113 -5.50 -3.66 -3.58
CA LEU A 113 -5.14 -4.78 -2.73
C LEU A 113 -3.79 -5.37 -3.19
N VAL A 114 -2.84 -5.50 -2.28
CA VAL A 114 -1.50 -5.93 -2.59
C VAL A 114 -1.14 -7.18 -1.79
N GLY A 115 -0.83 -8.27 -2.50
CA GLY A 115 -0.30 -9.49 -1.88
C GLY A 115 1.20 -9.50 -2.06
N ASN A 116 1.91 -9.24 -0.97
CA ASN A 116 3.35 -9.14 -0.97
C ASN A 116 4.04 -10.44 -0.56
N LYS A 117 5.35 -10.48 -0.80
CA LYS A 117 6.20 -11.63 -0.55
C LYS A 117 5.96 -12.74 -1.54
N SER A 118 5.66 -12.38 -2.81
CA SER A 118 5.41 -13.37 -3.87
C SER A 118 6.60 -14.22 -4.26
N ASP A 119 7.79 -13.84 -3.80
CA ASP A 119 9.00 -14.63 -3.95
C ASP A 119 9.08 -15.87 -3.04
N LEU A 120 8.27 -15.91 -1.98
CA LEU A 120 8.20 -17.01 -1.05
C LEU A 120 7.27 -18.12 -1.53
N ALA A 121 7.67 -19.35 -1.23
CA ALA A 121 6.93 -20.54 -1.63
C ALA A 121 5.93 -21.07 -0.62
N ALA A 122 5.99 -20.60 0.62
CA ALA A 122 5.02 -21.02 1.65
C ALA A 122 3.73 -20.25 1.54
N ARG A 123 3.14 -20.30 0.36
CA ARG A 123 1.95 -19.57 0.08
C ARG A 123 0.74 -20.25 0.74
N THR A 124 -0.03 -19.45 1.48
CA THR A 124 -1.31 -19.90 2.01
C THR A 124 -2.48 -19.06 1.54
N VAL A 125 -2.24 -17.91 0.93
CA VAL A 125 -3.31 -17.19 0.21
C VAL A 125 -3.15 -17.34 -1.27
N GLU A 126 -4.06 -18.10 -1.89
CA GLU A 126 -4.02 -18.31 -3.32
C GLU A 126 -4.49 -17.07 -4.04
N SER A 127 -3.85 -16.80 -5.17
CA SER A 127 -4.25 -15.68 -6.03
C SER A 127 -5.77 -15.54 -6.17
N ARG A 128 -6.49 -16.61 -6.51
N ARG A 128 -6.48 -16.61 -6.53
CA ARG A 128 -7.95 -16.52 -6.69
CA ARG A 128 -7.94 -16.51 -6.70
C ARG A 128 -8.75 -16.15 -5.43
C ARG A 128 -8.66 -15.98 -5.43
N GLN A 129 -8.19 -16.39 -4.25
CA GLN A 129 -8.82 -15.98 -3.01
C GLN A 129 -8.76 -14.48 -2.89
N ALA A 130 -7.59 -13.92 -3.19
CA ALA A 130 -7.35 -12.49 -3.12
C ALA A 130 -8.10 -11.74 -4.24
N GLN A 131 -8.12 -12.32 -5.43
CA GLN A 131 -8.94 -11.77 -6.53
C GLN A 131 -10.42 -11.63 -6.11
N ASP A 132 -10.98 -12.60 -5.39
CA ASP A 132 -12.37 -12.49 -4.89
C ASP A 132 -12.56 -11.33 -3.97
N LEU A 133 -11.62 -11.17 -3.06
CA LEU A 133 -11.73 -10.07 -2.08
C LEU A 133 -11.70 -8.70 -2.83
N ALA A 134 -10.70 -8.55 -3.69
CA ALA A 134 -10.55 -7.31 -4.48
C ALA A 134 -11.82 -7.07 -5.33
N ARG A 135 -12.38 -8.12 -5.89
CA ARG A 135 -13.60 -7.97 -6.69
C ARG A 135 -14.76 -7.46 -5.82
N SER A 136 -14.85 -7.93 -4.58
CA SER A 136 -15.92 -7.48 -3.70
C SER A 136 -15.80 -6.00 -3.39
N TYR A 137 -14.59 -5.48 -3.37
CA TYR A 137 -14.32 -4.07 -3.11
C TYR A 137 -14.34 -3.20 -4.38
N GLY A 138 -14.39 -3.82 -5.55
CA GLY A 138 -14.28 -3.12 -6.83
C GLY A 138 -12.93 -2.50 -7.08
N ILE A 139 -11.87 -3.19 -6.68
CA ILE A 139 -10.51 -2.70 -6.81
C ILE A 139 -9.62 -3.77 -7.41
N PRO A 140 -8.47 -3.37 -7.96
CA PRO A 140 -7.50 -4.35 -8.49
C PRO A 140 -6.75 -5.10 -7.40
N TYR A 141 -6.34 -6.34 -7.73
CA TYR A 141 -5.39 -7.10 -6.91
C TYR A 141 -4.07 -7.21 -7.65
N ILE A 142 -2.99 -6.89 -6.96
CA ILE A 142 -1.66 -6.99 -7.50
C ILE A 142 -0.73 -7.70 -6.52
N GLU A 143 0.08 -8.62 -7.05
CA GLU A 143 1.14 -9.28 -6.22
C GLU A 143 2.50 -8.64 -6.43
N THR A 144 3.26 -8.58 -5.33
CA THR A 144 4.53 -7.90 -5.30
C THR A 144 5.56 -8.75 -4.54
N SER A 145 6.82 -8.46 -4.82
CA SER A 145 7.92 -8.86 -3.95
C SER A 145 8.82 -7.66 -3.78
N ALA A 146 8.93 -7.19 -2.55
CA ALA A 146 9.92 -6.15 -2.24
C ALA A 146 11.35 -6.65 -2.44
N LYS A 147 11.54 -7.98 -2.39
CA LYS A 147 12.84 -8.57 -2.56
C LYS A 147 13.31 -8.54 -3.99
N THR A 148 12.48 -9.04 -4.92
CA THR A 148 12.90 -9.17 -6.32
C THR A 148 12.50 -7.97 -7.17
N ARG A 149 11.74 -7.05 -6.58
CA ARG A 149 11.05 -5.96 -7.25
C ARG A 149 9.81 -6.26 -8.08
N GLN A 150 9.45 -7.54 -8.26
N GLN A 150 9.46 -7.52 -8.29
CA GLN A 150 8.28 -7.92 -9.04
CA GLN A 150 8.34 -7.84 -9.16
C GLN A 150 7.07 -7.12 -8.58
C GLN A 150 7.07 -7.19 -8.63
N GLY A 151 6.35 -6.51 -9.52
CA GLY A 151 5.10 -5.84 -9.16
C GLY A 151 5.14 -4.53 -8.39
N VAL A 152 6.30 -4.11 -7.93
CA VAL A 152 6.35 -3.00 -6.97
C VAL A 152 5.91 -1.70 -7.64
N GLU A 153 6.51 -1.40 -8.78
N GLU A 153 6.56 -1.38 -8.75
CA GLU A 153 6.04 -0.26 -9.56
CA GLU A 153 6.19 -0.20 -9.54
C GLU A 153 4.60 -0.41 -10.02
C GLU A 153 4.71 -0.25 -9.94
N ASP A 154 4.20 -1.61 -10.45
N ASP A 154 4.27 -1.41 -10.39
CA ASP A 154 2.81 -1.87 -10.83
CA ASP A 154 2.90 -1.61 -10.84
C ASP A 154 1.84 -1.48 -9.74
C ASP A 154 1.91 -1.31 -9.71
N ALA A 155 2.18 -1.82 -8.51
CA ALA A 155 1.29 -1.61 -7.39
C ALA A 155 1.08 -0.13 -7.14
N PHE A 156 2.17 0.62 -7.02
CA PHE A 156 2.07 2.03 -6.74
C PHE A 156 1.47 2.81 -7.90
N TYR A 157 1.88 2.50 -9.12
N TYR A 157 1.86 2.51 -9.13
CA TYR A 157 1.37 3.23 -10.30
CA TYR A 157 1.35 3.28 -10.26
C TYR A 157 -0.10 2.92 -10.51
C TYR A 157 -0.09 2.89 -10.63
N THR A 158 -0.49 1.66 -10.30
CA THR A 158 -1.90 1.29 -10.37
C THR A 158 -2.73 2.11 -9.40
N LEU A 159 -2.21 2.31 -8.20
CA LEU A 159 -2.92 3.15 -7.24
C LEU A 159 -3.08 4.61 -7.72
N VAL A 160 -2.05 5.20 -8.33
CA VAL A 160 -2.16 6.53 -8.95
C VAL A 160 -3.27 6.50 -10.02
N ARG A 161 -3.25 5.45 -10.82
CA ARG A 161 -4.32 5.27 -11.84
C ARG A 161 -5.76 5.12 -11.31
N GLU A 162 -5.93 4.54 -10.12
CA GLU A 162 -7.19 4.51 -9.41
C GLU A 162 -7.59 5.88 -8.91
N ILE A 163 -6.66 6.61 -8.30
CA ILE A 163 -6.96 7.96 -7.85
C ILE A 163 -7.46 8.83 -9.02
N ARG A 164 -6.83 8.71 -10.20
CA ARG A 164 -7.21 9.46 -11.37
C ARG A 164 -8.62 9.14 -11.92
N GLN A 165 -9.20 8.02 -11.53
CA GLN A 165 -10.58 7.67 -11.89
C GLN A 165 -11.62 8.22 -10.92
N HIS A 166 -11.18 8.64 -9.75
N HIS A 166 -11.14 8.87 -9.86
CA HIS A 166 -12.16 8.98 -8.72
CA HIS A 166 -12.00 9.51 -8.86
C HIS A 166 -12.58 10.42 -8.79
C HIS A 166 -12.47 10.87 -9.38
#